data_1CZ6
#
_entry.id   1CZ6
#
_cell.length_a   1.000
_cell.length_b   1.000
_cell.length_c   1.000
_cell.angle_alpha   90.00
_cell.angle_beta   90.00
_cell.angle_gamma   90.00
#
_symmetry.space_group_name_H-M   'P 1'
#
_entity_poly.entity_id   1
_entity_poly.type   'polypeptide(L)'
_entity_poly.pdbx_seq_one_letter_code
;RSVCRQIKICRRRGGCYYKCTNRPY
;
_entity_poly.pdbx_strand_id   A
#
# COMPACT_ATOMS: atom_id res chain seq x y z
N ARG A 1 3.16 1.41 3.74
CA ARG A 1 2.80 -0.04 3.87
C ARG A 1 3.67 -0.77 2.84
N SER A 2 3.50 -2.06 2.73
CA SER A 2 4.30 -2.86 1.74
C SER A 2 3.37 -3.49 0.70
N VAL A 3 3.95 -4.28 -0.15
CA VAL A 3 3.17 -4.96 -1.23
C VAL A 3 3.76 -6.39 -1.34
N CYS A 4 3.85 -7.00 -0.19
CA CYS A 4 4.38 -8.36 -0.06
C CYS A 4 3.25 -9.32 0.30
N ARG A 5 3.60 -10.57 0.35
CA ARG A 5 2.61 -11.64 0.70
C ARG A 5 3.15 -12.25 1.98
N GLN A 6 2.24 -12.78 2.75
CA GLN A 6 2.62 -13.42 4.05
C GLN A 6 2.93 -14.90 3.87
N ILE A 7 3.97 -15.33 4.52
CA ILE A 7 4.41 -16.76 4.45
C ILE A 7 4.54 -17.23 5.90
N LYS A 8 4.46 -18.53 6.03
CA LYS A 8 4.56 -19.22 7.34
C LYS A 8 6.08 -19.38 7.43
N ILE A 9 6.72 -18.33 7.88
CA ILE A 9 8.19 -18.34 8.02
C ILE A 9 8.53 -19.24 9.20
N CYS A 10 9.60 -19.98 9.10
CA CYS A 10 10.01 -20.87 10.19
C CYS A 10 11.48 -20.64 10.49
N ARG A 11 11.86 -20.97 11.70
CA ARG A 11 13.27 -20.82 12.15
C ARG A 11 13.84 -22.15 12.63
N ARG A 12 15.06 -22.09 13.08
CA ARG A 12 15.77 -23.32 13.60
C ARG A 12 15.63 -23.28 15.13
N ARG A 13 15.53 -22.08 15.61
CA ARG A 13 15.39 -21.81 17.07
C ARG A 13 14.38 -20.65 17.09
N GLY A 14 13.47 -20.61 18.03
CA GLY A 14 12.50 -19.48 18.08
C GLY A 14 11.09 -19.94 17.68
N GLY A 15 10.94 -20.40 16.46
CA GLY A 15 9.61 -20.87 15.99
C GLY A 15 9.24 -20.33 14.62
N CYS A 16 7.99 -20.54 14.28
CA CYS A 16 7.43 -20.10 12.98
C CYS A 16 6.37 -19.02 13.21
N TYR A 17 6.17 -18.21 12.21
CA TYR A 17 5.17 -17.11 12.25
C TYR A 17 4.75 -16.62 10.86
N TYR A 18 4.07 -15.51 10.86
CA TYR A 18 3.59 -14.88 9.60
C TYR A 18 4.59 -13.77 9.26
N LYS A 19 5.29 -13.98 8.18
CA LYS A 19 6.31 -13.00 7.72
C LYS A 19 5.87 -12.46 6.36
N CYS A 20 6.04 -11.19 6.11
CA CYS A 20 5.63 -10.65 4.77
C CYS A 20 6.95 -11.04 4.13
N THR A 21 6.91 -11.85 3.12
CA THR A 21 8.19 -12.25 2.50
C THR A 21 8.58 -11.35 1.36
N ASN A 22 7.64 -11.11 0.50
CA ASN A 22 7.88 -10.23 -0.69
C ASN A 22 8.70 -10.96 -1.77
N ARG A 23 8.02 -11.72 -2.59
CA ARG A 23 8.76 -12.44 -3.68
C ARG A 23 8.72 -11.47 -4.87
N PRO A 24 9.74 -11.42 -5.70
CA PRO A 24 9.83 -10.45 -6.84
C PRO A 24 8.71 -10.66 -7.88
N TYR A 25 7.54 -10.33 -7.47
CA TYR A 25 6.32 -10.45 -8.32
C TYR A 25 5.54 -9.12 -8.18
N ARG A 1 4.78 -3.37 1.18
CA ARG A 1 3.89 -2.40 1.91
C ARG A 1 2.58 -2.42 1.08
N SER A 2 1.64 -1.60 1.46
CA SER A 2 0.34 -1.52 0.74
C SER A 2 0.08 -0.02 0.45
N VAL A 3 -0.92 0.22 -0.36
CA VAL A 3 -1.36 1.59 -0.77
C VAL A 3 -2.85 1.44 -1.14
N CYS A 4 -3.56 2.51 -1.32
CA CYS A 4 -5.00 2.43 -1.68
C CYS A 4 -5.20 2.85 -3.15
N ARG A 5 -6.40 2.69 -3.60
CA ARG A 5 -6.74 3.07 -5.00
C ARG A 5 -7.67 4.26 -4.86
N GLN A 6 -7.66 5.04 -5.88
CA GLN A 6 -8.51 6.26 -5.89
C GLN A 6 -9.70 6.17 -6.80
N ILE A 7 -10.70 6.90 -6.42
CA ILE A 7 -11.96 6.95 -7.18
C ILE A 7 -12.20 8.40 -7.56
N LYS A 8 -13.01 8.53 -8.57
CA LYS A 8 -13.39 9.86 -9.12
C LYS A 8 -14.50 10.29 -8.18
N ILE A 9 -14.11 10.81 -7.06
CA ILE A 9 -15.11 11.27 -6.08
C ILE A 9 -15.67 12.59 -6.57
N CYS A 10 -16.93 12.79 -6.36
CA CYS A 10 -17.59 14.02 -6.78
C CYS A 10 -18.31 14.61 -5.58
N ARG A 11 -18.60 15.88 -5.65
CA ARG A 11 -19.32 16.55 -4.52
C ARG A 11 -20.71 17.03 -4.91
N ARG A 12 -21.56 17.00 -3.93
CA ARG A 12 -22.98 17.43 -4.12
C ARG A 12 -23.13 18.80 -4.79
N ARG A 13 -22.21 19.69 -4.56
CA ARG A 13 -22.32 21.03 -5.18
C ARG A 13 -21.36 21.18 -6.37
N GLY A 14 -21.23 20.10 -7.08
CA GLY A 14 -20.33 20.10 -8.28
C GLY A 14 -18.88 19.79 -7.92
N GLY A 15 -18.15 19.51 -8.97
CA GLY A 15 -16.70 19.18 -8.84
C GLY A 15 -16.50 17.74 -8.47
N CYS A 16 -15.38 17.29 -8.95
CA CYS A 16 -14.92 15.89 -8.75
C CYS A 16 -13.39 15.91 -8.70
N TYR A 17 -12.84 14.88 -8.11
CA TYR A 17 -11.36 14.74 -7.99
C TYR A 17 -11.02 13.28 -7.69
N TYR A 18 -9.77 13.06 -7.40
CA TYR A 18 -9.28 11.68 -7.09
C TYR A 18 -8.94 11.55 -5.61
N LYS A 19 -9.71 10.71 -4.96
CA LYS A 19 -9.52 10.45 -3.50
C LYS A 19 -9.35 8.95 -3.29
N CYS A 20 -8.79 8.55 -2.19
CA CYS A 20 -8.62 7.08 -1.96
C CYS A 20 -9.93 6.54 -1.39
N THR A 21 -10.28 5.40 -1.90
CA THR A 21 -11.54 4.71 -1.46
C THR A 21 -11.16 3.49 -0.62
N ASN A 22 -10.08 2.94 -1.09
CA ASN A 22 -9.46 1.73 -0.46
C ASN A 22 -10.47 0.67 0.02
N ARG A 23 -11.16 0.09 -0.92
CA ARG A 23 -12.17 -0.95 -0.60
C ARG A 23 -11.49 -2.30 -0.96
N PRO A 24 -11.98 -3.40 -0.44
CA PRO A 24 -11.49 -4.75 -0.84
C PRO A 24 -12.12 -5.17 -2.18
N TYR A 25 -12.23 -4.18 -3.02
CA TYR A 25 -12.80 -4.33 -4.38
C TYR A 25 -11.92 -3.43 -5.25
N ARG A 1 -0.27 -4.51 5.57
CA ARG A 1 -0.06 -3.99 4.19
C ARG A 1 1.45 -3.82 4.05
N SER A 2 1.92 -3.50 2.87
CA SER A 2 3.38 -3.31 2.67
C SER A 2 3.62 -1.92 2.08
N VAL A 3 4.86 -1.50 2.15
CA VAL A 3 5.30 -0.17 1.62
C VAL A 3 6.72 -0.45 1.08
N CYS A 4 7.21 0.35 0.17
CA CYS A 4 8.59 0.13 -0.39
C CYS A 4 9.48 1.35 -0.08
N ARG A 5 10.65 1.34 -0.65
CA ARG A 5 11.65 2.44 -0.48
C ARG A 5 12.48 2.54 -1.78
N GLN A 6 12.77 3.75 -2.21
CA GLN A 6 13.57 3.89 -3.49
C GLN A 6 15.02 4.31 -3.23
N ILE A 7 15.86 3.72 -4.04
CA ILE A 7 17.33 3.97 -3.97
C ILE A 7 17.84 4.52 -5.30
N LYS A 8 19.01 5.08 -5.16
CA LYS A 8 19.75 5.71 -6.28
C LYS A 8 20.42 4.52 -6.99
N ILE A 9 19.62 3.87 -7.75
CA ILE A 9 20.08 2.69 -8.51
C ILE A 9 21.01 3.18 -9.61
N CYS A 10 22.15 2.56 -9.78
CA CYS A 10 23.11 2.97 -10.85
C CYS A 10 23.50 1.77 -11.72
N ARG A 11 23.64 1.98 -13.01
CA ARG A 11 24.03 0.87 -13.96
C ARG A 11 25.51 1.17 -14.33
N ARG A 12 26.41 0.29 -13.99
CA ARG A 12 27.90 0.37 -14.22
C ARG A 12 28.38 1.58 -15.03
N ARG A 13 27.87 1.69 -16.23
CA ARG A 13 28.27 2.84 -17.11
C ARG A 13 27.08 3.25 -18.03
N GLY A 14 25.92 3.29 -17.45
CA GLY A 14 24.68 3.67 -18.20
C GLY A 14 23.95 4.88 -17.63
N GLY A 15 23.86 4.93 -16.32
CA GLY A 15 23.16 6.07 -15.66
C GLY A 15 22.65 5.67 -14.29
N CYS A 16 22.07 6.61 -13.59
CA CYS A 16 21.51 6.36 -12.22
C CYS A 16 20.09 6.94 -12.11
N TYR A 17 19.26 6.28 -11.35
CA TYR A 17 17.85 6.73 -11.14
C TYR A 17 17.31 6.18 -9.84
N TYR A 18 16.01 6.22 -9.74
CA TYR A 18 15.31 5.71 -8.53
C TYR A 18 14.63 4.35 -8.82
N LYS A 19 15.14 3.36 -8.13
CA LYS A 19 14.65 1.94 -8.25
C LYS A 19 14.00 1.66 -6.92
N CYS A 20 12.90 0.96 -6.88
CA CYS A 20 12.31 0.70 -5.55
C CYS A 20 13.18 -0.51 -5.20
N THR A 21 13.73 -0.47 -4.03
CA THR A 21 14.62 -1.56 -3.56
C THR A 21 13.91 -2.46 -2.57
N ASN A 22 12.94 -1.86 -1.90
CA ASN A 22 12.10 -2.58 -0.87
C ASN A 22 12.95 -3.55 0.00
N ARG A 23 13.77 -2.94 0.80
CA ARG A 23 14.69 -3.67 1.74
C ARG A 23 14.12 -3.45 3.16
N PRO A 24 13.21 -4.30 3.62
CA PRO A 24 12.77 -4.32 5.05
C PRO A 24 14.01 -4.60 5.91
N TYR A 25 14.75 -3.55 6.10
CA TYR A 25 16.00 -3.57 6.90
C TYR A 25 16.38 -2.10 7.19
N ARG A 1 5.47 -6.09 0.71
CA ARG A 1 4.09 -5.89 0.17
C ARG A 1 3.69 -4.50 0.64
N SER A 2 2.58 -4.00 0.17
CA SER A 2 2.13 -2.64 0.60
C SER A 2 0.72 -2.72 1.17
N VAL A 3 0.29 -1.63 1.72
CA VAL A 3 -1.06 -1.47 2.34
C VAL A 3 -1.67 -0.21 1.69
N CYS A 4 -2.65 0.38 2.32
CA CYS A 4 -3.27 1.58 1.71
C CYS A 4 -2.41 2.79 2.07
N ARG A 5 -2.71 3.88 1.43
CA ARG A 5 -1.91 5.11 1.72
C ARG A 5 -2.31 5.73 3.05
N GLN A 6 -1.29 6.05 3.78
CA GLN A 6 -1.44 6.67 5.12
C GLN A 6 -1.10 8.16 5.03
N ILE A 7 -1.93 8.94 5.64
CA ILE A 7 -1.72 10.41 5.63
C ILE A 7 -1.53 10.90 7.04
N LYS A 8 -0.83 12.00 7.11
CA LYS A 8 -0.53 12.66 8.40
C LYS A 8 -1.86 13.39 8.51
N ILE A 9 -2.80 12.77 9.14
CA ILE A 9 -4.12 13.38 9.29
C ILE A 9 -4.18 14.25 10.53
N CYS A 10 -4.54 15.48 10.30
CA CYS A 10 -4.64 16.47 11.39
C CYS A 10 -6.10 16.76 11.66
N ARG A 11 -6.53 16.24 12.77
CA ARG A 11 -7.92 16.40 13.25
C ARG A 11 -7.88 17.20 14.55
N ARG A 12 -8.18 18.47 14.43
CA ARG A 12 -8.21 19.45 15.58
C ARG A 12 -8.43 18.75 16.95
N ARG A 13 -9.41 17.89 16.99
CA ARG A 13 -9.73 17.16 18.23
C ARG A 13 -9.21 15.72 18.07
N GLY A 14 -7.95 15.59 18.40
CA GLY A 14 -7.26 14.29 18.31
C GLY A 14 -5.78 14.54 18.03
N GLY A 15 -5.51 15.41 17.10
CA GLY A 15 -4.09 15.73 16.75
C GLY A 15 -3.76 15.31 15.31
N CYS A 16 -2.49 15.28 15.04
CA CYS A 16 -1.98 14.89 13.68
C CYS A 16 -1.38 13.47 13.77
N TYR A 17 -2.12 12.50 13.29
CA TYR A 17 -1.69 11.06 13.31
C TYR A 17 -1.71 10.48 11.92
N TYR A 18 -1.81 9.19 11.86
CA TYR A 18 -1.86 8.47 10.55
C TYR A 18 -3.16 7.71 10.29
N LYS A 19 -3.74 8.00 9.17
CA LYS A 19 -5.01 7.33 8.79
C LYS A 19 -4.87 6.85 7.37
N CYS A 20 -5.64 5.85 7.07
CA CYS A 20 -5.63 5.26 5.70
C CYS A 20 -6.56 6.27 5.03
N THR A 21 -6.05 6.82 3.97
CA THR A 21 -6.79 7.84 3.18
C THR A 21 -7.23 7.18 1.85
N ASN A 22 -6.34 6.35 1.36
CA ASN A 22 -6.46 5.57 0.10
C ASN A 22 -7.38 6.15 -0.98
N ARG A 23 -6.82 7.17 -1.57
CA ARG A 23 -7.53 7.90 -2.66
C ARG A 23 -6.87 7.39 -3.95
N PRO A 24 -7.59 7.17 -5.02
CA PRO A 24 -7.01 6.54 -6.24
C PRO A 24 -6.13 7.46 -7.10
N TYR A 25 -5.61 8.46 -6.46
CA TYR A 25 -4.72 9.45 -7.11
C TYR A 25 -3.48 9.49 -6.22
N ARG A 1 -0.22 -1.41 4.37
CA ARG A 1 -1.00 -1.67 3.11
C ARG A 1 -1.12 -0.27 2.46
N SER A 2 -1.70 -0.20 1.28
CA SER A 2 -1.92 1.05 0.46
C SER A 2 -1.27 0.80 -0.91
N VAL A 3 -2.01 1.00 -1.98
CA VAL A 3 -1.48 0.79 -3.37
C VAL A 3 -1.93 1.95 -4.29
N CYS A 4 -1.61 3.16 -3.86
CA CYS A 4 -1.99 4.39 -4.64
C CYS A 4 -0.74 5.13 -5.14
N ARG A 5 -1.01 6.21 -5.81
CA ARG A 5 0.02 7.13 -6.40
C ARG A 5 -0.60 8.52 -6.21
N GLN A 6 0.17 9.57 -6.31
CA GLN A 6 -0.42 10.95 -6.13
C GLN A 6 0.07 11.97 -7.16
N ILE A 7 -0.75 12.19 -8.15
CA ILE A 7 -0.41 13.14 -9.23
C ILE A 7 -1.02 14.46 -8.85
N LYS A 8 -0.54 15.45 -9.55
CA LYS A 8 -1.04 16.82 -9.33
C LYS A 8 -1.97 16.75 -10.53
N ILE A 9 -3.22 16.61 -10.23
CA ILE A 9 -4.24 16.51 -11.27
C ILE A 9 -4.92 17.84 -11.48
N CYS A 10 -4.87 18.28 -12.70
CA CYS A 10 -5.47 19.55 -13.10
C CYS A 10 -6.62 19.30 -14.04
N ARG A 11 -7.67 20.03 -13.82
CA ARG A 11 -8.87 19.89 -14.70
C ARG A 11 -9.40 21.29 -15.00
N ARG A 12 -10.11 21.40 -16.10
CA ARG A 12 -10.69 22.72 -16.54
C ARG A 12 -9.68 23.87 -16.47
N ARG A 13 -8.40 23.58 -16.39
CA ARG A 13 -7.36 24.66 -16.30
C ARG A 13 -7.88 25.69 -15.28
N GLY A 14 -8.53 25.14 -14.28
CA GLY A 14 -9.12 25.96 -13.19
C GLY A 14 -8.58 25.49 -11.85
N GLY A 15 -8.62 24.19 -11.67
CA GLY A 15 -8.11 23.61 -10.39
C GLY A 15 -7.16 22.46 -10.64
N CYS A 16 -6.28 22.37 -9.70
CA CYS A 16 -5.21 21.33 -9.66
C CYS A 16 -5.10 20.73 -8.25
N TYR A 17 -5.55 19.52 -8.10
CA TYR A 17 -5.52 18.81 -6.77
C TYR A 17 -4.69 17.56 -6.90
N TYR A 18 -4.99 16.63 -6.06
CA TYR A 18 -4.24 15.33 -6.08
C TYR A 18 -5.15 14.14 -6.44
N LYS A 19 -4.62 13.22 -7.21
CA LYS A 19 -5.39 12.01 -7.63
C LYS A 19 -4.46 10.80 -7.80
N CYS A 20 -5.03 9.63 -7.66
CA CYS A 20 -4.26 8.34 -7.79
C CYS A 20 -4.37 7.68 -9.18
N THR A 21 -3.78 8.32 -10.16
CA THR A 21 -3.78 7.80 -11.57
C THR A 21 -3.89 6.26 -11.69
N ASN A 22 -2.97 5.74 -10.95
CA ASN A 22 -2.71 4.28 -10.73
C ASN A 22 -2.20 3.40 -11.90
N ARG A 23 -0.92 3.53 -12.17
CA ARG A 23 -0.22 2.76 -13.26
C ARG A 23 1.12 2.30 -12.64
N PRO A 24 1.76 1.25 -13.13
CA PRO A 24 3.01 0.70 -12.54
C PRO A 24 4.30 1.12 -13.27
N TYR A 25 4.51 2.40 -13.31
CA TYR A 25 5.71 2.99 -13.97
C TYR A 25 6.39 3.99 -12.99
N ARG A 1 -6.52 3.97 -0.26
CA ARG A 1 -7.11 2.59 -0.21
C ARG A 1 -6.03 1.70 0.38
N SER A 2 -6.28 0.42 0.43
CA SER A 2 -5.35 -0.62 0.97
C SER A 2 -4.06 -0.16 1.67
N VAL A 3 -4.23 0.67 2.66
CA VAL A 3 -3.09 1.20 3.45
C VAL A 3 -3.43 0.75 4.87
N CYS A 4 -3.59 -0.54 4.99
CA CYS A 4 -3.94 -1.14 6.32
C CYS A 4 -2.79 -1.80 7.05
N ARG A 5 -3.12 -1.99 8.29
CA ARG A 5 -2.23 -2.63 9.30
C ARG A 5 -2.93 -3.94 9.64
N GLN A 6 -2.22 -4.81 10.31
CA GLN A 6 -2.82 -6.12 10.70
C GLN A 6 -2.44 -6.49 12.13
N ILE A 7 -3.36 -6.38 13.05
CA ILE A 7 -3.02 -6.73 14.45
C ILE A 7 -3.79 -8.01 14.74
N LYS A 8 -3.23 -8.76 15.64
CA LYS A 8 -3.81 -10.06 16.07
C LYS A 8 -4.81 -9.60 17.12
N ILE A 9 -5.93 -9.20 16.61
CA ILE A 9 -7.02 -8.72 17.48
C ILE A 9 -7.62 -9.93 18.16
N CYS A 10 -7.98 -9.79 19.41
CA CYS A 10 -8.57 -10.90 20.15
C CYS A 10 -9.96 -10.56 20.64
N ARG A 11 -10.66 -11.63 20.97
CA ARG A 11 -12.05 -11.53 21.50
C ARG A 11 -12.08 -12.15 22.91
N ARG A 12 -13.24 -12.13 23.49
CA ARG A 12 -13.46 -12.69 24.87
C ARG A 12 -14.29 -13.98 24.74
N ARG A 13 -15.28 -13.87 23.90
CA ARG A 13 -16.22 -14.97 23.60
C ARG A 13 -16.11 -15.14 22.08
N GLY A 14 -15.03 -15.77 21.72
CA GLY A 14 -14.66 -16.07 20.30
C GLY A 14 -13.12 -15.99 20.26
N GLY A 15 -12.51 -16.05 19.10
CA GLY A 15 -11.01 -15.99 19.03
C GLY A 15 -10.34 -14.70 18.60
N CYS A 16 -9.11 -14.91 18.18
CA CYS A 16 -8.26 -13.79 17.70
C CYS A 16 -8.04 -13.95 16.20
N TYR A 17 -8.00 -12.84 15.53
CA TYR A 17 -7.81 -12.82 14.05
C TYR A 17 -7.00 -11.61 13.65
N TYR A 18 -7.04 -11.34 12.37
CA TYR A 18 -6.28 -10.17 11.82
C TYR A 18 -7.20 -9.03 11.40
N LYS A 19 -7.05 -7.93 12.08
CA LYS A 19 -7.90 -6.74 11.75
C LYS A 19 -6.99 -5.52 11.61
N CYS A 20 -7.50 -4.52 10.96
CA CYS A 20 -6.74 -3.26 10.75
C CYS A 20 -6.88 -2.36 11.99
N THR A 21 -5.75 -1.87 12.42
CA THR A 21 -5.70 -0.98 13.62
C THR A 21 -5.27 0.43 13.18
N ASN A 22 -4.70 0.45 12.01
CA ASN A 22 -4.19 1.68 11.34
C ASN A 22 -3.77 2.81 12.24
N ARG A 23 -2.70 2.53 12.92
CA ARG A 23 -2.17 3.57 13.84
C ARG A 23 -1.26 4.49 12.99
N PRO A 24 -1.34 5.78 13.17
CA PRO A 24 -0.43 6.76 12.49
C PRO A 24 0.96 6.67 13.13
N TYR A 25 1.60 5.59 12.77
CA TYR A 25 2.98 5.18 13.22
C TYR A 25 2.81 3.67 13.38
N ARG A 1 -2.09 -9.37 5.10
CA ARG A 1 -2.60 -8.00 4.79
C ARG A 1 -1.52 -7.35 3.95
N SER A 2 -1.78 -6.15 3.47
CA SER A 2 -0.77 -5.42 2.63
C SER A 2 -0.46 -4.10 3.33
N VAL A 3 0.44 -3.40 2.71
CA VAL A 3 0.92 -2.08 3.17
C VAL A 3 0.51 -1.18 1.99
N CYS A 4 0.61 0.11 2.18
CA CYS A 4 0.26 1.12 1.15
C CYS A 4 1.48 1.95 0.75
N ARG A 5 1.30 2.84 -0.19
CA ARG A 5 2.45 3.71 -0.63
C ARG A 5 2.10 5.10 -0.09
N GLN A 6 3.08 5.93 0.13
CA GLN A 6 2.74 7.29 0.66
C GLN A 6 3.04 8.41 -0.33
N ILE A 7 2.24 9.42 -0.24
CA ILE A 7 2.36 10.61 -1.13
C ILE A 7 2.79 11.76 -0.26
N LYS A 8 3.43 12.67 -0.93
CA LYS A 8 3.94 13.89 -0.27
C LYS A 8 2.69 14.73 -0.12
N ILE A 9 2.01 14.48 0.96
CA ILE A 9 0.77 15.22 1.23
C ILE A 9 1.11 16.59 1.86
N CYS A 10 0.40 17.62 1.46
CA CYS A 10 0.64 18.97 2.00
C CYS A 10 -0.65 19.56 2.57
N ARG A 11 -0.51 20.29 3.64
CA ARG A 11 -1.66 20.94 4.34
C ARG A 11 -1.27 22.45 4.34
N ARG A 12 -1.87 23.22 3.47
CA ARG A 12 -1.63 24.70 3.31
C ARG A 12 -0.98 25.45 4.50
N ARG A 13 -1.62 25.31 5.63
CA ARG A 13 -1.13 25.98 6.87
C ARG A 13 -1.09 24.93 7.99
N GLY A 14 -0.60 23.79 7.63
CA GLY A 14 -0.48 22.63 8.57
C GLY A 14 0.93 22.05 8.49
N GLY A 15 1.37 21.89 7.27
CA GLY A 15 2.72 21.33 6.98
C GLY A 15 2.59 20.27 5.89
N CYS A 16 3.69 19.70 5.49
CA CYS A 16 3.64 18.64 4.43
C CYS A 16 4.34 17.43 5.03
N TYR A 17 3.95 16.26 4.60
CA TYR A 17 4.54 14.98 5.09
C TYR A 17 4.21 13.93 4.07
N TYR A 18 4.29 12.73 4.52
CA TYR A 18 3.98 11.55 3.65
C TYR A 18 2.80 10.81 4.28
N LYS A 19 1.77 10.59 3.49
CA LYS A 19 0.56 9.86 3.99
C LYS A 19 0.17 8.80 2.95
N CYS A 20 -0.46 7.75 3.39
CA CYS A 20 -0.88 6.66 2.46
C CYS A 20 -2.12 6.94 1.57
N THR A 21 -1.95 7.72 0.54
CA THR A 21 -3.11 8.05 -0.41
C THR A 21 -3.92 6.76 -0.70
N ASN A 22 -3.09 5.78 -0.85
CA ASN A 22 -3.37 4.34 -1.15
C ASN A 22 -4.57 3.95 -2.02
N ARG A 23 -4.61 4.56 -3.16
CA ARG A 23 -5.68 4.31 -4.16
C ARG A 23 -4.79 4.28 -5.40
N PRO A 24 -4.86 3.26 -6.23
CA PRO A 24 -3.93 3.10 -7.40
C PRO A 24 -4.39 3.99 -8.57
N TYR A 25 -4.41 5.25 -8.26
CA TYR A 25 -4.81 6.31 -9.20
C TYR A 25 -3.81 7.45 -8.92
N ARG A 1 5.81 -3.30 -0.23
CA ARG A 1 5.91 -1.86 0.21
C ARG A 1 4.48 -1.33 -0.09
N SER A 2 4.14 -0.16 0.40
CA SER A 2 2.77 0.39 0.13
C SER A 2 2.98 1.84 -0.29
N VAL A 3 1.89 2.56 -0.41
CA VAL A 3 1.94 4.00 -0.81
C VAL A 3 1.20 4.82 0.28
N CYS A 4 1.09 4.27 1.47
CA CYS A 4 0.41 4.95 2.62
C CYS A 4 -0.88 5.70 2.25
N ARG A 5 -1.30 6.47 3.21
CA ARG A 5 -2.51 7.30 3.07
C ARG A 5 -1.88 8.65 3.30
N GLN A 6 -1.97 9.38 2.24
CA GLN A 6 -1.39 10.73 2.22
C GLN A 6 -2.47 11.80 2.29
N ILE A 7 -2.04 12.89 2.86
CA ILE A 7 -2.89 14.09 3.05
C ILE A 7 -2.22 15.28 2.41
N LYS A 8 -3.08 16.24 2.17
CA LYS A 8 -2.70 17.52 1.54
C LYS A 8 -2.37 18.27 2.83
N ILE A 9 -1.16 18.08 3.24
CA ILE A 9 -0.65 18.71 4.48
C ILE A 9 -0.08 20.05 4.06
N CYS A 10 -0.11 21.01 4.95
CA CYS A 10 0.47 22.32 4.54
C CYS A 10 1.22 22.92 5.72
N ARG A 11 2.27 23.60 5.38
CA ARG A 11 3.15 24.27 6.38
C ARG A 11 3.19 25.74 6.00
N ARG A 12 2.72 26.57 6.90
CA ARG A 12 2.66 28.06 6.74
C ARG A 12 3.68 28.63 5.73
N ARG A 13 4.93 28.27 5.91
CA ARG A 13 6.00 28.76 5.00
C ARG A 13 6.85 27.58 4.49
N GLY A 14 6.15 26.54 4.14
CA GLY A 14 6.74 25.28 3.61
C GLY A 14 6.02 25.00 2.31
N GLY A 15 4.73 25.16 2.37
CA GLY A 15 3.84 24.94 1.20
C GLY A 15 2.86 23.84 1.54
N CYS A 16 2.08 23.45 0.59
CA CYS A 16 1.08 22.37 0.80
C CYS A 16 1.56 21.22 -0.08
N TYR A 17 1.71 20.08 0.52
CA TYR A 17 2.18 18.86 -0.19
C TYR A 17 1.45 17.59 0.20
N TYR A 18 1.91 16.51 -0.37
CA TYR A 18 1.31 15.17 -0.10
C TYR A 18 2.24 14.50 0.91
N LYS A 19 1.70 14.37 2.09
CA LYS A 19 2.43 13.73 3.23
C LYS A 19 1.75 12.48 3.71
N CYS A 20 2.55 11.55 4.17
CA CYS A 20 2.00 10.26 4.67
C CYS A 20 1.51 10.63 6.06
N THR A 21 0.27 10.30 6.27
CA THR A 21 -0.39 10.59 7.56
C THR A 21 -0.80 9.27 8.29
N ASN A 22 -1.15 8.30 7.49
CA ASN A 22 -1.61 6.93 7.97
C ASN A 22 -2.60 7.07 9.16
N ARG A 23 -3.38 8.10 9.09
CA ARG A 23 -4.40 8.40 10.14
C ARG A 23 -5.73 8.72 9.44
N PRO A 24 -6.53 7.72 9.17
CA PRO A 24 -7.96 7.90 8.75
C PRO A 24 -8.71 8.33 10.01
N TYR A 25 -8.34 9.48 10.45
CA TYR A 25 -8.92 10.10 11.67
C TYR A 25 -9.17 11.57 11.27
N ARG A 1 -2.05 -2.55 -1.94
CA ARG A 1 -1.82 -3.54 -0.83
C ARG A 1 -2.04 -4.86 -1.56
N SER A 2 -1.22 -5.04 -2.55
CA SER A 2 -1.29 -6.26 -3.39
C SER A 2 -0.18 -7.21 -2.95
N VAL A 3 -0.43 -7.86 -1.86
CA VAL A 3 0.57 -8.84 -1.31
C VAL A 3 -0.05 -10.19 -1.65
N CYS A 4 0.73 -11.25 -1.58
CA CYS A 4 0.18 -12.57 -1.91
C CYS A 4 -0.80 -13.00 -0.80
N ARG A 5 -1.37 -14.14 -1.02
CA ARG A 5 -2.37 -14.72 -0.07
C ARG A 5 -1.78 -16.02 0.41
N GLN A 6 -2.01 -16.36 1.65
CA GLN A 6 -1.44 -17.63 2.16
C GLN A 6 -2.49 -18.73 2.06
N ILE A 7 -2.02 -19.88 1.70
CA ILE A 7 -2.87 -21.08 1.53
C ILE A 7 -2.32 -22.22 2.37
N LYS A 8 -3.24 -22.99 2.90
CA LYS A 8 -2.93 -24.16 3.75
C LYS A 8 -2.77 -25.10 2.56
N ILE A 9 -1.57 -25.15 2.06
CA ILE A 9 -1.26 -25.99 0.89
C ILE A 9 -0.93 -27.38 1.38
N CYS A 10 -1.37 -28.34 0.62
CA CYS A 10 -1.13 -29.75 0.98
C CYS A 10 -0.24 -30.44 -0.06
N ARG A 11 0.81 -31.03 0.43
CA ARG A 11 1.77 -31.76 -0.41
C ARG A 11 1.61 -33.23 -0.01
N ARG A 12 0.65 -33.84 -0.67
CA ARG A 12 0.23 -35.29 -0.53
C ARG A 12 1.10 -36.19 0.37
N ARG A 13 2.38 -36.09 0.14
CA ARG A 13 3.39 -36.85 0.88
C ARG A 13 4.29 -35.75 1.48
N GLY A 14 4.13 -35.56 2.76
CA GLY A 14 4.92 -34.52 3.48
C GLY A 14 3.96 -33.81 4.43
N GLY A 15 2.85 -33.34 3.91
CA GLY A 15 1.86 -32.64 4.80
C GLY A 15 1.29 -31.33 4.25
N CYS A 16 0.54 -30.65 5.08
CA CYS A 16 -0.07 -29.35 4.66
C CYS A 16 0.50 -28.17 5.46
N TYR A 17 1.01 -27.19 4.76
CA TYR A 17 1.64 -25.97 5.37
C TYR A 17 1.05 -24.68 4.81
N TYR A 18 1.69 -23.60 5.17
CA TYR A 18 1.24 -22.25 4.70
C TYR A 18 2.24 -21.68 3.70
N LYS A 19 1.76 -21.61 2.49
CA LYS A 19 2.59 -21.06 1.37
C LYS A 19 1.84 -19.82 0.92
N CYS A 20 2.49 -19.00 0.17
CA CYS A 20 1.82 -17.77 -0.31
C CYS A 20 1.54 -18.28 -1.74
N THR A 21 0.36 -18.04 -2.22
CA THR A 21 -0.03 -18.50 -3.58
C THR A 21 -0.23 -17.31 -4.54
N ASN A 22 -0.91 -16.30 -4.06
CA ASN A 22 -1.19 -15.06 -4.89
C ASN A 22 -2.00 -15.36 -6.16
N ARG A 23 -3.29 -15.37 -5.99
CA ARG A 23 -4.23 -15.63 -7.13
C ARG A 23 -4.02 -14.63 -8.31
N PRO A 24 -4.56 -14.96 -9.47
CA PRO A 24 -4.75 -13.97 -10.56
C PRO A 24 -5.69 -12.87 -10.08
N TYR A 25 -5.13 -12.00 -9.28
CA TYR A 25 -5.87 -10.86 -8.71
C TYR A 25 -5.07 -9.59 -9.02
N ARG A 1 -3.28 0.92 0.48
CA ARG A 1 -2.88 0.04 1.63
C ARG A 1 -2.64 -1.29 0.95
N SER A 2 -1.82 -1.19 -0.03
CA SER A 2 -1.44 -2.35 -0.87
C SER A 2 0.06 -2.27 -1.14
N VAL A 3 0.62 -3.29 -1.71
CA VAL A 3 2.08 -3.31 -2.02
C VAL A 3 2.17 -3.61 -3.52
N CYS A 4 2.55 -2.64 -4.31
CA CYS A 4 2.67 -2.86 -5.77
C CYS A 4 4.14 -2.75 -6.18
N ARG A 5 4.42 -3.12 -7.39
CA ARG A 5 5.83 -3.04 -7.88
C ARG A 5 5.86 -2.03 -9.02
N GLN A 6 6.97 -1.35 -9.02
CA GLN A 6 7.30 -0.27 -9.99
C GLN A 6 8.14 -0.75 -11.16
N ILE A 7 7.75 -0.37 -12.34
CA ILE A 7 8.51 -0.77 -13.56
C ILE A 7 9.07 0.52 -14.12
N LYS A 8 10.09 0.37 -14.90
CA LYS A 8 10.74 1.55 -15.52
C LYS A 8 9.92 1.59 -16.79
N ILE A 9 8.87 2.32 -16.65
CA ILE A 9 7.91 2.50 -17.74
C ILE A 9 8.44 3.63 -18.60
N CYS A 10 8.32 3.47 -19.88
CA CYS A 10 8.80 4.50 -20.81
C CYS A 10 7.53 4.93 -21.52
N ARG A 11 7.40 6.21 -21.69
CA ARG A 11 6.21 6.78 -22.38
C ARG A 11 6.78 7.49 -23.62
N ARG A 12 6.79 6.75 -24.70
CA ARG A 12 7.29 7.20 -26.05
C ARG A 12 7.42 8.72 -26.18
N ARG A 13 6.37 9.41 -25.80
CA ARG A 13 6.32 10.88 -25.86
C ARG A 13 6.28 11.34 -24.39
N GLY A 14 7.40 11.80 -23.91
CA GLY A 14 7.47 12.28 -22.50
C GLY A 14 8.73 11.81 -21.78
N GLY A 15 9.02 10.53 -21.86
CA GLY A 15 10.24 10.01 -21.18
C GLY A 15 9.95 8.73 -20.39
N CYS A 16 10.92 8.31 -19.61
CA CYS A 16 10.73 7.08 -18.79
C CYS A 16 10.73 7.43 -17.30
N TYR A 17 10.00 6.66 -16.55
CA TYR A 17 9.87 6.85 -15.08
C TYR A 17 9.45 5.54 -14.43
N TYR A 18 9.00 5.67 -13.22
CA TYR A 18 8.54 4.48 -12.43
C TYR A 18 7.02 4.45 -12.24
N LYS A 19 6.40 3.36 -12.57
CA LYS A 19 4.91 3.25 -12.39
C LYS A 19 4.68 1.90 -11.69
N CYS A 20 3.82 1.93 -10.72
CA CYS A 20 3.47 0.70 -9.92
C CYS A 20 2.54 -0.24 -10.72
N THR A 21 3.13 -0.76 -11.77
CA THR A 21 2.51 -1.70 -12.75
C THR A 21 1.51 -2.73 -12.21
N ASN A 22 1.97 -3.37 -11.16
CA ASN A 22 1.24 -4.44 -10.43
C ASN A 22 0.30 -5.26 -11.34
N ARG A 23 0.96 -5.78 -12.35
CA ARG A 23 0.27 -6.60 -13.38
C ARG A 23 1.02 -7.95 -13.52
N PRO A 24 0.38 -9.05 -13.23
CA PRO A 24 0.80 -10.40 -13.70
C PRO A 24 1.02 -10.52 -15.23
N TYR A 25 2.08 -9.93 -15.69
CA TYR A 25 2.45 -9.96 -17.14
C TYR A 25 3.97 -10.25 -17.24
N ARG A 1 -2.05 -5.34 4.68
CA ARG A 1 -1.89 -4.99 3.23
C ARG A 1 -0.91 -3.82 3.26
N SER A 2 0.28 -4.13 3.66
CA SER A 2 1.43 -3.18 3.80
C SER A 2 1.66 -3.18 5.30
N VAL A 3 2.66 -2.44 5.66
CA VAL A 3 3.10 -2.27 7.07
C VAL A 3 2.86 -0.75 7.23
N CYS A 4 3.02 -0.26 8.42
CA CYS A 4 2.83 1.17 8.71
C CYS A 4 4.21 1.84 8.79
N ARG A 5 4.22 3.12 9.02
CA ARG A 5 5.51 3.87 9.10
C ARG A 5 5.67 4.32 10.56
N GLN A 6 6.89 4.28 11.05
CA GLN A 6 7.19 4.68 12.45
C GLN A 6 7.61 6.14 12.50
N ILE A 7 6.91 6.88 13.32
CA ILE A 7 7.19 8.32 13.47
C ILE A 7 7.64 8.57 14.89
N LYS A 8 8.27 9.69 15.04
CA LYS A 8 8.80 10.12 16.35
C LYS A 8 7.57 10.86 16.88
N ILE A 9 6.72 10.08 17.47
CA ILE A 9 5.47 10.62 18.05
C ILE A 9 5.86 11.24 19.39
N CYS A 10 5.24 12.33 19.73
CA CYS A 10 5.55 12.99 21.00
C CYS A 10 4.25 13.00 21.78
N ARG A 11 4.38 12.90 23.08
CA ARG A 11 3.18 12.90 23.97
C ARG A 11 3.27 14.16 24.82
N ARG A 12 2.15 14.82 24.98
CA ARG A 12 1.97 16.09 25.79
C ARG A 12 3.31 16.70 26.23
N ARG A 13 4.10 17.06 25.25
CA ARG A 13 5.46 17.67 25.48
C ARG A 13 6.17 17.09 26.72
N GLY A 14 6.17 15.79 26.77
CA GLY A 14 6.82 15.06 27.89
C GLY A 14 7.95 14.25 27.29
N GLY A 15 7.61 13.34 26.41
CA GLY A 15 8.62 12.48 25.73
C GLY A 15 8.18 12.18 24.31
N CYS A 16 9.09 11.61 23.57
CA CYS A 16 8.82 11.25 22.14
C CYS A 16 9.33 9.82 21.91
N TYR A 17 8.57 9.04 21.20
CA TYR A 17 8.89 7.61 20.88
C TYR A 17 8.55 7.22 19.44
N TYR A 18 8.72 5.96 19.16
CA TYR A 18 8.43 5.42 17.80
C TYR A 18 7.07 4.74 17.85
N LYS A 19 6.18 5.34 17.13
CA LYS A 19 4.79 4.82 17.05
C LYS A 19 4.48 4.68 15.57
N CYS A 20 3.79 3.62 15.24
CA CYS A 20 3.43 3.37 13.81
C CYS A 20 2.27 4.33 13.60
N THR A 21 2.49 5.25 12.71
CA THR A 21 1.46 6.26 12.41
C THR A 21 0.64 5.78 11.20
N ASN A 22 1.33 5.20 10.25
CA ASN A 22 0.64 4.69 9.01
C ASN A 22 -0.20 5.77 8.29
N ARG A 23 0.47 6.62 7.56
CA ARG A 23 -0.23 7.73 6.80
C ARG A 23 -0.42 7.39 5.30
N PRO A 24 -1.49 6.72 4.93
CA PRO A 24 -1.94 6.66 3.51
C PRO A 24 -2.34 8.07 3.05
N TYR A 25 -1.35 8.85 2.73
CA TYR A 25 -1.57 10.24 2.27
C TYR A 25 -0.84 10.38 0.93
N ARG A 1 -1.00 -4.68 1.73
CA ARG A 1 -0.09 -3.71 2.42
C ARG A 1 -0.41 -2.37 1.75
N SER A 2 0.05 -1.28 2.32
CA SER A 2 -0.21 0.09 1.75
C SER A 2 -1.67 0.45 2.06
N VAL A 3 -2.06 1.59 1.57
CA VAL A 3 -3.45 2.11 1.77
C VAL A 3 -3.95 2.29 0.33
N CYS A 4 -5.23 2.53 0.16
CA CYS A 4 -5.75 2.72 -1.22
C CYS A 4 -5.88 4.20 -1.54
N ARG A 5 -6.29 4.44 -2.75
CA ARG A 5 -6.48 5.82 -3.30
C ARG A 5 -7.78 5.81 -4.06
N GLN A 6 -8.20 6.97 -4.49
CA GLN A 6 -9.46 7.05 -5.26
C GLN A 6 -9.17 7.27 -6.75
N ILE A 7 -10.05 6.72 -7.52
CA ILE A 7 -10.01 6.79 -9.01
C ILE A 7 -11.30 7.52 -9.34
N LYS A 8 -11.39 8.01 -10.53
CA LYS A 8 -12.62 8.74 -10.92
C LYS A 8 -13.46 7.63 -11.55
N ILE A 9 -14.13 6.95 -10.66
CA ILE A 9 -14.99 5.83 -11.08
C ILE A 9 -16.12 6.51 -11.84
N CYS A 10 -16.45 5.95 -12.97
CA CYS A 10 -17.55 6.59 -13.78
C CYS A 10 -18.59 5.57 -14.25
N ARG A 11 -19.80 5.83 -13.84
CA ARG A 11 -20.95 4.96 -14.20
C ARG A 11 -22.06 5.85 -14.72
N ARG A 12 -22.32 5.77 -16.00
CA ARG A 12 -23.40 6.59 -16.67
C ARG A 12 -24.60 6.96 -15.79
N ARG A 13 -25.13 6.02 -15.06
CA ARG A 13 -26.30 6.29 -14.17
C ARG A 13 -25.92 6.10 -12.68
N GLY A 14 -24.75 6.57 -12.38
CA GLY A 14 -24.19 6.50 -11.00
C GLY A 14 -23.53 7.85 -10.72
N GLY A 15 -22.77 8.26 -11.70
CA GLY A 15 -22.03 9.55 -11.65
C GLY A 15 -20.55 9.22 -11.87
N CYS A 16 -19.73 10.23 -11.74
CA CYS A 16 -18.26 10.06 -11.91
C CYS A 16 -17.83 10.57 -10.54
N TYR A 17 -17.25 9.69 -9.75
CA TYR A 17 -16.81 10.05 -8.37
C TYR A 17 -15.48 9.46 -7.91
N TYR A 18 -15.20 9.69 -6.66
CA TYR A 18 -13.93 9.17 -6.06
C TYR A 18 -14.23 7.91 -5.27
N LYS A 19 -13.87 6.82 -5.90
CA LYS A 19 -14.08 5.46 -5.30
C LYS A 19 -12.68 4.84 -5.30
N CYS A 20 -12.40 3.96 -4.37
CA CYS A 20 -11.04 3.33 -4.33
C CYS A 20 -10.84 2.26 -5.39
N THR A 21 -9.65 1.74 -5.42
CA THR A 21 -9.28 0.68 -6.40
C THR A 21 -8.63 -0.50 -5.67
N ASN A 22 -7.46 -0.15 -5.23
CA ASN A 22 -6.52 -1.03 -4.47
C ASN A 22 -6.04 -2.10 -5.45
N ARG A 23 -6.32 -1.83 -6.69
CA ARG A 23 -5.98 -2.67 -7.85
C ARG A 23 -5.46 -1.68 -8.90
N PRO A 24 -4.19 -1.33 -8.85
CA PRO A 24 -3.55 -0.45 -9.87
C PRO A 24 -3.39 -1.20 -11.21
N TYR A 25 -4.53 -1.48 -11.77
CA TYR A 25 -4.63 -2.20 -13.07
C TYR A 25 -5.57 -1.32 -13.92
N ARG A 1 -4.54 -5.68 -1.39
CA ARG A 1 -3.74 -5.67 -0.14
C ARG A 1 -2.30 -5.98 -0.60
N SER A 2 -1.32 -5.74 0.25
CA SER A 2 0.11 -6.02 -0.10
C SER A 2 0.58 -5.00 -1.16
N VAL A 3 1.78 -5.22 -1.63
CA VAL A 3 2.42 -4.35 -2.68
C VAL A 3 3.28 -5.20 -3.64
N CYS A 4 3.76 -4.60 -4.70
CA CYS A 4 4.60 -5.30 -5.69
C CYS A 4 6.02 -4.96 -5.35
N ARG A 5 6.95 -5.63 -5.97
CA ARG A 5 8.37 -5.31 -5.65
C ARG A 5 8.94 -4.41 -6.74
N GLN A 6 9.80 -3.59 -6.23
CA GLN A 6 10.51 -2.58 -7.05
C GLN A 6 11.95 -2.94 -7.37
N ILE A 7 12.34 -2.50 -8.54
CA ILE A 7 13.71 -2.75 -9.04
C ILE A 7 14.38 -1.43 -9.37
N LYS A 8 15.68 -1.51 -9.35
CA LYS A 8 16.58 -0.37 -9.64
C LYS A 8 16.64 -0.39 -11.16
N ILE A 9 15.60 0.16 -11.70
CA ILE A 9 15.44 0.24 -13.16
C ILE A 9 16.22 1.45 -13.64
N CYS A 10 16.83 1.34 -14.78
CA CYS A 10 17.60 2.44 -15.33
C CYS A 10 17.08 2.78 -16.72
N ARG A 11 17.26 4.02 -17.09
CA ARG A 11 16.81 4.52 -18.41
C ARG A 11 18.11 5.07 -19.02
N ARG A 12 18.26 4.79 -20.28
CA ARG A 12 19.45 5.20 -21.12
C ARG A 12 20.74 5.33 -20.26
N ARG A 13 20.93 4.33 -19.42
CA ARG A 13 22.09 4.22 -18.47
C ARG A 13 22.63 5.62 -18.09
N GLY A 14 21.67 6.47 -17.85
CA GLY A 14 21.94 7.89 -17.46
C GLY A 14 21.36 8.10 -16.06
N GLY A 15 20.12 7.69 -15.92
CA GLY A 15 19.41 7.82 -14.63
C GLY A 15 18.70 6.53 -14.36
N CYS A 16 18.53 6.29 -13.10
CA CYS A 16 17.86 5.07 -12.60
C CYS A 16 16.88 5.46 -11.50
N TYR A 17 15.97 4.57 -11.22
CA TYR A 17 14.95 4.80 -10.17
C TYR A 17 14.35 3.48 -9.73
N TYR A 18 13.30 3.60 -8.97
CA TYR A 18 12.59 2.40 -8.46
C TYR A 18 11.23 2.26 -9.14
N LYS A 19 11.13 1.24 -9.95
CA LYS A 19 9.86 0.98 -10.67
C LYS A 19 9.36 -0.29 -10.02
N CYS A 20 8.10 -0.55 -10.18
CA CYS A 20 7.45 -1.77 -9.62
C CYS A 20 7.61 -2.61 -10.89
N THR A 21 8.13 -3.77 -10.67
CA THR A 21 8.38 -4.70 -11.80
C THR A 21 7.47 -5.89 -11.88
N ASN A 22 7.22 -6.39 -10.71
CA ASN A 22 6.36 -7.60 -10.63
C ASN A 22 5.01 -7.26 -10.09
N ARG A 23 4.36 -6.51 -10.92
CA ARG A 23 2.98 -6.07 -10.57
C ARG A 23 2.02 -7.05 -11.29
N PRO A 24 0.79 -7.15 -10.86
CA PRO A 24 -0.25 -7.94 -11.61
C PRO A 24 -0.79 -7.17 -12.84
N TYR A 25 0.13 -6.72 -13.64
CA TYR A 25 -0.20 -5.96 -14.88
C TYR A 25 1.02 -6.08 -15.79
N ARG A 1 2.05 -9.30 1.97
CA ARG A 1 3.44 -9.48 2.50
C ARG A 1 3.63 -8.38 3.54
N SER A 2 4.77 -8.32 4.17
CA SER A 2 5.04 -7.28 5.20
C SER A 2 6.01 -6.21 4.65
N VAL A 3 6.01 -5.11 5.35
CA VAL A 3 6.84 -3.89 5.07
C VAL A 3 6.93 -3.09 6.40
N CYS A 4 7.77 -2.08 6.41
CA CYS A 4 7.97 -1.21 7.62
C CYS A 4 7.99 0.21 7.05
N ARG A 5 8.20 1.16 7.92
CA ARG A 5 8.27 2.58 7.51
C ARG A 5 9.47 3.16 8.21
N GLN A 6 9.79 4.36 7.85
CA GLN A 6 10.96 5.04 8.47
C GLN A 6 10.67 6.49 8.83
N ILE A 7 10.49 6.74 10.09
CA ILE A 7 10.20 8.14 10.54
C ILE A 7 11.39 8.57 11.35
N LYS A 8 11.64 9.84 11.30
CA LYS A 8 12.78 10.44 12.05
C LYS A 8 12.18 10.51 13.45
N ILE A 9 12.38 9.42 14.13
CA ILE A 9 11.88 9.26 15.50
C ILE A 9 12.77 10.04 16.44
N CYS A 10 12.22 10.59 17.47
CA CYS A 10 13.03 11.34 18.41
C CYS A 10 12.77 10.86 19.84
N ARG A 11 13.83 10.62 20.54
CA ARG A 11 13.71 10.15 21.95
C ARG A 11 14.10 11.40 22.75
N ARG A 12 13.84 11.38 24.03
CA ARG A 12 14.18 12.58 24.88
C ARG A 12 15.46 12.34 25.66
N ARG A 13 15.57 11.16 26.20
CA ARG A 13 16.77 10.76 26.97
C ARG A 13 17.34 9.80 25.91
N GLY A 14 17.99 10.46 24.98
CA GLY A 14 18.67 9.86 23.80
C GLY A 14 18.62 10.96 22.70
N GLY A 15 18.65 10.57 21.45
CA GLY A 15 18.61 11.53 20.29
C GLY A 15 17.51 11.14 19.30
N CYS A 16 17.67 11.63 18.11
CA CYS A 16 16.67 11.31 17.04
C CYS A 16 17.35 10.32 16.10
N TYR A 17 16.55 9.48 15.52
CA TYR A 17 17.00 8.41 14.57
C TYR A 17 15.81 8.04 13.74
N TYR A 18 15.89 6.87 13.18
CA TYR A 18 14.77 6.38 12.32
C TYR A 18 14.07 5.18 13.01
N LYS A 19 12.76 5.26 13.11
CA LYS A 19 11.96 4.16 13.75
C LYS A 19 10.91 3.74 12.74
N CYS A 20 10.42 2.54 12.92
CA CYS A 20 9.37 2.03 12.01
C CYS A 20 8.18 2.61 12.78
N THR A 21 7.42 3.41 12.09
CA THR A 21 6.24 4.04 12.73
C THR A 21 5.00 3.26 12.36
N ASN A 22 4.97 2.88 11.11
CA ASN A 22 3.85 2.09 10.51
C ASN A 22 2.45 2.69 10.77
N ARG A 23 2.27 3.84 10.21
CA ARG A 23 0.98 4.60 10.33
C ARG A 23 0.63 4.98 8.88
N PRO A 24 0.13 4.03 8.11
CA PRO A 24 -0.39 4.33 6.75
C PRO A 24 -1.52 5.38 6.71
N TYR A 25 -1.14 6.61 6.88
CA TYR A 25 -2.13 7.75 6.85
C TYR A 25 -2.67 7.88 5.41
N ARG A 1 2.05 3.85 0.99
CA ARG A 1 1.79 2.61 0.20
C ARG A 1 3.16 2.28 -0.40
N SER A 2 3.44 1.04 -0.71
CA SER A 2 4.76 0.63 -1.29
C SER A 2 4.67 -0.89 -1.48
N VAL A 3 5.79 -1.48 -1.77
CA VAL A 3 5.88 -2.97 -2.00
C VAL A 3 6.80 -3.59 -0.94
N CYS A 4 6.85 -4.89 -0.92
CA CYS A 4 7.71 -5.62 0.03
C CYS A 4 9.05 -5.89 -0.62
N ARG A 5 9.95 -6.42 0.16
CA ARG A 5 11.30 -6.72 -0.39
C ARG A 5 11.29 -8.21 -0.76
N GLN A 6 12.06 -8.46 -1.78
CA GLN A 6 12.19 -9.82 -2.33
C GLN A 6 13.52 -10.46 -1.95
N ILE A 7 13.47 -11.76 -1.85
CA ILE A 7 14.67 -12.56 -1.48
C ILE A 7 14.91 -13.56 -2.60
N LYS A 8 16.11 -14.05 -2.61
CA LYS A 8 16.57 -15.04 -3.62
C LYS A 8 16.15 -16.36 -2.99
N ILE A 9 14.91 -16.66 -3.19
CA ILE A 9 14.34 -17.92 -2.64
C ILE A 9 14.81 -19.08 -3.49
N CYS A 10 15.08 -20.19 -2.88
CA CYS A 10 15.55 -21.38 -3.61
C CYS A 10 14.51 -22.47 -3.43
N ARG A 11 14.15 -23.14 -4.50
CA ARG A 11 13.14 -24.23 -4.39
C ARG A 11 13.80 -25.54 -4.81
N ARG A 12 14.85 -25.85 -4.08
CA ARG A 12 15.77 -27.05 -4.17
C ARG A 12 15.53 -28.05 -5.32
N ARG A 13 14.29 -28.33 -5.58
CA ARG A 13 13.87 -29.27 -6.65
C ARG A 13 13.66 -28.33 -7.87
N GLY A 14 14.66 -27.51 -8.08
CA GLY A 14 14.68 -26.51 -9.17
C GLY A 14 15.66 -25.42 -8.72
N GLY A 15 15.56 -24.25 -9.28
CA GLY A 15 16.51 -23.15 -8.88
C GLY A 15 15.99 -22.15 -7.85
N CYS A 16 16.66 -21.04 -7.87
CA CYS A 16 16.34 -19.92 -6.95
C CYS A 16 15.84 -18.73 -7.79
N TYR A 17 14.90 -18.03 -7.24
CA TYR A 17 14.28 -16.84 -7.91
C TYR A 17 14.03 -15.75 -6.89
N TYR A 18 13.32 -14.76 -7.33
CA TYR A 18 12.98 -13.61 -6.44
C TYR A 18 11.51 -13.63 -6.07
N LYS A 19 11.29 -13.78 -4.79
CA LYS A 19 9.90 -13.83 -4.23
C LYS A 19 9.83 -12.75 -3.15
N CYS A 20 8.66 -12.30 -2.82
CA CYS A 20 8.52 -11.26 -1.76
C CYS A 20 8.57 -12.05 -0.46
N THR A 21 9.31 -11.52 0.48
CA THR A 21 9.45 -12.18 1.81
C THR A 21 8.66 -11.41 2.84
N ASN A 22 8.73 -10.12 2.62
CA ASN A 22 8.03 -9.12 3.49
C ASN A 22 8.20 -9.46 4.98
N ARG A 23 9.44 -9.53 5.36
CA ARG A 23 9.87 -9.84 6.76
C ARG A 23 10.69 -8.61 7.20
N PRO A 24 10.10 -7.68 7.91
CA PRO A 24 10.87 -6.55 8.53
C PRO A 24 12.11 -6.94 9.34
N TYR A 25 13.13 -7.29 8.61
CA TYR A 25 14.45 -7.72 9.16
C TYR A 25 15.55 -6.92 8.40
N ARG A 1 -0.58 -4.29 2.06
CA ARG A 1 0.78 -3.68 2.22
C ARG A 1 1.60 -4.17 1.04
N SER A 2 1.03 -3.87 -0.07
CA SER A 2 1.56 -4.20 -1.41
C SER A 2 1.52 -2.88 -2.19
N VAL A 3 1.79 -2.98 -3.45
CA VAL A 3 1.79 -1.80 -4.36
C VAL A 3 0.67 -2.11 -5.37
N CYS A 4 0.28 -1.18 -6.22
CA CYS A 4 -0.81 -1.51 -7.19
C CYS A 4 -0.58 -0.89 -8.58
N ARG A 5 -1.46 -1.28 -9.47
CA ARG A 5 -1.45 -0.81 -10.88
C ARG A 5 -2.92 -0.56 -11.30
N GLN A 6 -3.14 0.51 -12.01
CA GLN A 6 -4.51 0.88 -12.47
C GLN A 6 -4.79 0.49 -13.93
N ILE A 7 -6.01 0.09 -14.17
CA ILE A 7 -6.43 -0.32 -15.53
C ILE A 7 -7.58 0.57 -15.94
N LYS A 8 -7.67 0.68 -17.24
CA LYS A 8 -8.70 1.50 -17.93
C LYS A 8 -9.90 0.55 -17.84
N ILE A 9 -10.59 0.64 -16.75
CA ILE A 9 -11.76 -0.22 -16.52
C ILE A 9 -12.98 0.35 -17.25
N CYS A 10 -13.53 -0.48 -18.08
CA CYS A 10 -14.71 -0.07 -18.86
C CYS A 10 -15.94 -0.78 -18.31
N ARG A 11 -16.82 0.02 -17.77
CA ARG A 11 -18.10 -0.49 -17.18
C ARG A 11 -19.24 0.02 -18.07
N ARG A 12 -19.86 -0.89 -18.79
CA ARG A 12 -21.01 -0.62 -19.71
C ARG A 12 -21.71 0.68 -19.29
N ARG A 13 -22.02 0.72 -18.02
CA ARG A 13 -22.68 1.89 -17.44
C ARG A 13 -21.64 2.37 -16.43
N GLY A 14 -21.15 3.55 -16.68
CA GLY A 14 -20.13 4.20 -15.83
C GLY A 14 -19.07 4.81 -16.73
N GLY A 15 -18.63 4.05 -17.72
CA GLY A 15 -17.58 4.59 -18.66
C GLY A 15 -16.29 3.83 -18.49
N CYS A 16 -15.24 4.38 -19.05
CA CYS A 16 -13.88 3.75 -18.98
C CYS A 16 -12.98 4.65 -18.11
N TYR A 17 -12.74 4.20 -16.91
CA TYR A 17 -11.89 4.96 -15.92
C TYR A 17 -10.74 4.15 -15.37
N TYR A 18 -10.21 4.63 -14.28
CA TYR A 18 -9.06 3.94 -13.63
C TYR A 18 -9.43 3.29 -12.30
N LYS A 19 -9.26 1.99 -12.33
CA LYS A 19 -9.54 1.11 -11.15
C LYS A 19 -8.27 0.28 -10.94
N CYS A 20 -7.99 -0.12 -9.73
CA CYS A 20 -6.76 -0.94 -9.48
C CYS A 20 -7.00 -2.37 -9.97
N THR A 21 -6.13 -2.87 -10.80
CA THR A 21 -6.32 -4.26 -11.32
C THR A 21 -5.69 -5.20 -10.32
N ASN A 22 -4.62 -4.69 -9.80
CA ASN A 22 -3.78 -5.37 -8.76
C ASN A 22 -3.87 -6.91 -8.72
N ARG A 23 -3.38 -7.46 -9.79
CA ARG A 23 -3.33 -8.93 -9.98
C ARG A 23 -1.84 -9.30 -10.16
N PRO A 24 -1.09 -9.25 -9.08
CA PRO A 24 0.41 -9.14 -9.07
C PRO A 24 1.25 -9.98 -10.03
N TYR A 25 1.16 -9.66 -11.29
CA TYR A 25 1.91 -10.37 -12.35
C TYR A 25 2.90 -9.33 -12.93
N ARG A 1 -4.83 -5.66 -4.00
CA ARG A 1 -4.52 -4.55 -3.06
C ARG A 1 -4.18 -5.23 -1.71
N SER A 2 -3.02 -5.81 -1.63
CA SER A 2 -2.57 -6.51 -0.38
C SER A 2 -2.33 -5.58 0.82
N VAL A 3 -3.39 -5.03 1.36
CA VAL A 3 -3.25 -4.10 2.53
C VAL A 3 -4.05 -4.50 3.78
N CYS A 4 -5.35 -4.51 3.64
CA CYS A 4 -6.26 -4.86 4.77
C CYS A 4 -7.10 -6.10 4.45
N ARG A 5 -8.08 -6.33 5.27
CA ARG A 5 -9.00 -7.48 5.10
C ARG A 5 -10.42 -6.91 5.15
N GLN A 6 -11.39 -7.62 4.65
CA GLN A 6 -12.80 -7.10 4.67
C GLN A 6 -13.82 -8.18 5.06
N ILE A 7 -14.14 -8.25 6.33
CA ILE A 7 -15.10 -9.26 6.81
C ILE A 7 -16.33 -8.44 7.16
N LYS A 8 -17.45 -9.10 7.03
CA LYS A 8 -18.73 -8.43 7.36
C LYS A 8 -18.77 -8.85 8.82
N ILE A 9 -18.29 -7.96 9.66
CA ILE A 9 -18.27 -8.24 11.09
C ILE A 9 -19.65 -7.94 11.64
N CYS A 10 -20.18 -8.92 12.31
CA CYS A 10 -21.54 -8.74 12.88
C CYS A 10 -21.34 -8.66 14.38
N ARG A 11 -21.55 -7.46 14.80
CA ARG A 11 -21.43 -7.07 16.22
C ARG A 11 -22.85 -6.78 16.72
N ARG A 12 -23.48 -7.81 17.18
CA ARG A 12 -24.88 -7.81 17.73
C ARG A 12 -25.49 -6.45 18.15
N ARG A 13 -24.73 -5.63 18.84
CA ARG A 13 -25.26 -4.30 19.29
C ARG A 13 -24.52 -3.07 18.75
N GLY A 14 -23.91 -3.28 17.64
CA GLY A 14 -23.11 -2.27 16.86
C GLY A 14 -23.58 -2.30 15.40
N GLY A 15 -23.87 -3.49 14.93
CA GLY A 15 -24.34 -3.68 13.52
C GLY A 15 -23.46 -4.67 12.78
N CYS A 16 -23.72 -4.83 11.52
CA CYS A 16 -22.90 -5.78 10.71
C CYS A 16 -22.25 -4.83 9.71
N TYR A 17 -20.96 -4.68 9.87
CA TYR A 17 -20.16 -3.76 8.99
C TYR A 17 -18.92 -4.38 8.38
N TYR A 18 -18.21 -3.55 7.68
CA TYR A 18 -16.95 -3.98 6.99
C TYR A 18 -15.79 -3.61 7.91
N LYS A 19 -15.23 -4.64 8.47
CA LYS A 19 -14.06 -4.49 9.41
C LYS A 19 -12.93 -5.32 8.83
N CYS A 20 -11.74 -4.84 9.04
CA CYS A 20 -10.55 -5.56 8.54
C CYS A 20 -10.17 -6.34 9.78
N THR A 21 -10.63 -7.57 9.90
CA THR A 21 -10.26 -8.39 11.11
C THR A 21 -8.76 -8.19 11.35
N ASN A 22 -8.08 -8.57 10.30
CA ASN A 22 -6.59 -8.53 10.11
C ASN A 22 -5.90 -9.69 10.83
N ARG A 23 -6.03 -10.88 10.28
CA ARG A 23 -5.42 -12.12 10.85
C ARG A 23 -3.88 -12.07 11.00
N PRO A 24 -3.36 -11.91 12.20
CA PRO A 24 -1.96 -12.28 12.55
C PRO A 24 -1.40 -13.57 11.93
N TYR A 25 -0.96 -13.46 10.71
CA TYR A 25 -0.37 -14.60 9.96
C TYR A 25 1.08 -14.18 9.61
N ARG A 1 4.77 -3.89 4.66
CA ARG A 1 4.29 -5.12 3.95
C ARG A 1 4.14 -4.65 2.50
N SER A 2 3.67 -5.53 1.67
CA SER A 2 3.48 -5.24 0.22
C SER A 2 1.98 -5.43 -0.03
N VAL A 3 1.60 -5.38 -1.27
CA VAL A 3 0.16 -5.57 -1.61
C VAL A 3 -0.07 -7.03 -1.98
N CYS A 4 -1.32 -7.37 -1.91
CA CYS A 4 -1.83 -8.73 -2.20
C CYS A 4 -2.13 -8.82 -3.70
N ARG A 5 -2.69 -9.93 -4.10
CA ARG A 5 -3.01 -10.06 -5.54
C ARG A 5 -4.45 -9.64 -5.65
N GLN A 6 -4.68 -8.99 -6.75
CA GLN A 6 -6.01 -8.46 -7.07
C GLN A 6 -6.65 -9.42 -8.06
N ILE A 7 -7.91 -9.64 -7.87
CA ILE A 7 -8.66 -10.54 -8.77
C ILE A 7 -9.75 -9.71 -9.41
N LYS A 8 -10.13 -10.18 -10.57
CA LYS A 8 -11.17 -9.53 -11.38
C LYS A 8 -12.45 -10.01 -10.72
N ILE A 9 -12.84 -9.26 -9.73
CA ILE A 9 -14.06 -9.61 -8.99
C ILE A 9 -15.19 -9.02 -9.80
N CYS A 10 -16.29 -9.72 -9.85
CA CYS A 10 -17.46 -9.26 -10.62
C CYS A 10 -18.72 -9.26 -9.74
N ARG A 11 -19.29 -8.09 -9.57
CA ARG A 11 -20.52 -7.91 -8.76
C ARG A 11 -21.59 -7.24 -9.64
N ARG A 12 -22.63 -7.97 -10.02
CA ARG A 12 -23.72 -7.39 -10.89
C ARG A 12 -24.02 -5.93 -10.46
N ARG A 13 -23.98 -5.72 -9.17
CA ARG A 13 -24.24 -4.37 -8.63
C ARG A 13 -22.92 -3.78 -8.17
N GLY A 14 -22.35 -3.03 -9.07
CA GLY A 14 -21.04 -2.36 -8.80
C GLY A 14 -20.14 -2.50 -10.02
N GLY A 15 -20.09 -3.66 -10.62
CA GLY A 15 -19.21 -3.85 -11.82
C GLY A 15 -18.18 -4.95 -11.56
N CYS A 16 -17.23 -5.01 -12.45
CA CYS A 16 -16.15 -6.04 -12.33
C CYS A 16 -14.88 -5.22 -12.15
N TYR A 17 -14.27 -5.39 -11.01
CA TYR A 17 -13.04 -4.64 -10.63
C TYR A 17 -11.91 -5.49 -10.06
N TYR A 18 -10.97 -4.80 -9.50
CA TYR A 18 -9.79 -5.44 -8.88
C TYR A 18 -9.99 -5.37 -7.35
N LYS A 19 -10.28 -6.52 -6.80
CA LYS A 19 -10.51 -6.64 -5.33
C LYS A 19 -9.41 -7.59 -4.85
N CYS A 20 -8.86 -7.30 -3.71
CA CYS A 20 -7.75 -8.15 -3.17
C CYS A 20 -8.32 -9.52 -2.85
N THR A 21 -7.65 -10.52 -3.30
CA THR A 21 -8.13 -11.91 -3.03
C THR A 21 -7.59 -12.50 -1.76
N ASN A 22 -6.31 -12.42 -1.64
CA ASN A 22 -5.67 -12.99 -0.41
C ASN A 22 -5.66 -12.05 0.79
N ARG A 23 -6.11 -10.87 0.50
CA ARG A 23 -6.22 -9.75 1.50
C ARG A 23 -4.81 -9.30 2.05
N PRO A 24 -4.67 -8.06 2.44
CA PRO A 24 -3.46 -7.55 3.16
C PRO A 24 -3.07 -8.31 4.46
N TYR A 25 -2.55 -9.49 4.25
CA TYR A 25 -2.10 -10.37 5.36
C TYR A 25 -0.56 -10.45 5.24
N ARG A 1 4.23 3.34 2.33
CA ARG A 1 4.67 2.41 3.40
C ARG A 1 3.38 2.02 4.17
N SER A 2 3.56 1.20 5.19
CA SER A 2 2.50 0.63 6.13
C SER A 2 2.75 -0.89 6.22
N VAL A 3 2.55 -1.44 7.40
CA VAL A 3 2.75 -2.91 7.65
C VAL A 3 4.28 -3.12 7.60
N CYS A 4 4.80 -4.21 8.13
CA CYS A 4 6.25 -4.44 8.10
C CYS A 4 6.63 -5.73 7.37
N ARG A 5 7.90 -5.80 7.05
CA ARG A 5 8.46 -6.99 6.34
C ARG A 5 9.45 -7.55 7.34
N GLN A 6 9.59 -8.86 7.32
CA GLN A 6 10.53 -9.52 8.28
C GLN A 6 11.90 -9.88 7.71
N ILE A 7 12.86 -9.74 8.59
CA ILE A 7 14.27 -10.05 8.26
C ILE A 7 14.70 -11.14 9.23
N LYS A 8 15.73 -11.83 8.82
CA LYS A 8 16.32 -12.94 9.62
C LYS A 8 17.29 -12.14 10.47
N ILE A 9 16.72 -11.65 11.54
CA ILE A 9 17.47 -10.84 12.51
C ILE A 9 18.33 -11.80 13.32
N CYS A 10 19.57 -11.49 13.52
CA CYS A 10 20.41 -12.45 14.32
C CYS A 10 21.19 -11.78 15.43
N ARG A 11 21.50 -12.55 16.43
CA ARG A 11 22.28 -12.01 17.60
C ARG A 11 23.73 -12.52 17.45
N ARG A 12 24.66 -11.78 17.96
CA ARG A 12 26.10 -12.18 17.86
C ARG A 12 26.33 -13.61 18.35
N ARG A 13 25.67 -13.94 19.43
CA ARG A 13 25.79 -15.29 20.01
C ARG A 13 24.33 -15.70 20.17
N GLY A 14 24.04 -16.90 19.79
CA GLY A 14 22.65 -17.43 19.87
C GLY A 14 22.32 -17.78 18.42
N GLY A 15 21.10 -17.49 18.03
CA GLY A 15 20.64 -17.78 16.64
C GLY A 15 20.04 -16.55 15.94
N CYS A 16 19.34 -16.86 14.88
CA CYS A 16 18.65 -15.84 14.05
C CYS A 16 17.13 -16.14 13.98
N TYR A 17 16.32 -15.11 13.99
CA TYR A 17 14.84 -15.25 13.94
C TYR A 17 14.26 -14.26 12.93
N TYR A 18 12.95 -14.28 12.81
CA TYR A 18 12.27 -13.36 11.85
C TYR A 18 11.61 -12.23 12.64
N LYS A 19 12.15 -11.07 12.40
CA LYS A 19 11.67 -9.82 13.07
C LYS A 19 11.18 -8.85 12.01
N CYS A 20 10.12 -8.16 12.33
CA CYS A 20 9.54 -7.16 11.38
C CYS A 20 10.55 -6.03 11.49
N THR A 21 11.16 -5.74 10.39
CA THR A 21 12.18 -4.68 10.33
C THR A 21 11.56 -3.36 9.84
N ASN A 22 10.83 -3.42 8.75
CA ASN A 22 10.17 -2.20 8.17
C ASN A 22 11.19 -1.07 7.87
N ARG A 23 11.66 -1.15 6.65
CA ARG A 23 12.65 -0.15 6.14
C ARG A 23 11.83 0.74 5.18
N PRO A 24 12.28 1.94 4.85
CA PRO A 24 11.52 2.84 3.93
C PRO A 24 11.36 2.38 2.45
N TYR A 25 10.79 1.23 2.31
CA TYR A 25 10.52 0.58 0.98
C TYR A 25 9.04 0.15 1.07
N ARG A 1 -6.51 -4.31 7.30
CA ARG A 1 -6.55 -4.05 5.82
C ARG A 1 -5.37 -3.09 5.58
N SER A 2 -5.13 -2.73 4.34
CA SER A 2 -4.00 -1.80 4.02
C SER A 2 -4.67 -0.62 3.32
N VAL A 3 -3.85 0.25 2.80
CA VAL A 3 -4.38 1.46 2.09
C VAL A 3 -4.28 1.16 0.58
N CYS A 4 -5.11 1.81 -0.20
CA CYS A 4 -5.11 1.62 -1.65
C CYS A 4 -4.64 2.87 -2.39
N ARG A 5 -4.39 2.69 -3.65
CA ARG A 5 -3.94 3.85 -4.46
C ARG A 5 -5.19 4.41 -5.11
N GLN A 6 -5.04 5.63 -5.56
CA GLN A 6 -6.15 6.34 -6.22
C GLN A 6 -5.78 6.65 -7.65
N ILE A 7 -6.82 6.73 -8.44
CA ILE A 7 -6.67 7.01 -9.89
C ILE A 7 -7.33 8.34 -10.10
N LYS A 8 -7.21 8.76 -11.32
CA LYS A 8 -7.78 10.03 -11.77
C LYS A 8 -9.01 9.41 -12.42
N ILE A 9 -10.06 9.49 -11.67
CA ILE A 9 -11.36 8.94 -12.09
C ILE A 9 -12.14 10.14 -12.60
N CYS A 10 -12.77 9.96 -13.73
CA CYS A 10 -13.57 11.02 -14.37
C CYS A 10 -15.06 10.70 -14.53
N ARG A 11 -15.85 11.73 -14.57
CA ARG A 11 -17.34 11.57 -14.75
C ARG A 11 -17.80 12.27 -16.04
N ARG A 12 -19.09 12.29 -16.27
CA ARG A 12 -19.62 12.95 -17.51
C ARG A 12 -19.75 14.46 -17.28
N ARG A 13 -20.05 14.78 -16.06
CA ARG A 13 -20.21 16.18 -15.59
C ARG A 13 -19.53 16.13 -14.21
N GLY A 14 -19.01 17.24 -13.76
CA GLY A 14 -18.34 17.25 -12.43
C GLY A 14 -16.84 17.45 -12.62
N GLY A 15 -16.21 16.51 -13.28
CA GLY A 15 -14.74 16.62 -13.52
C GLY A 15 -14.05 15.30 -13.27
N CYS A 16 -12.78 15.41 -13.01
CA CYS A 16 -11.93 14.23 -12.74
C CYS A 16 -11.37 14.42 -11.32
N TYR A 17 -11.52 13.41 -10.51
CA TYR A 17 -11.04 13.45 -9.11
C TYR A 17 -10.30 12.17 -8.71
N TYR A 18 -10.01 12.11 -7.44
CA TYR A 18 -9.27 10.94 -6.89
C TYR A 18 -10.18 9.94 -6.17
N LYS A 19 -10.18 8.76 -6.74
CA LYS A 19 -10.99 7.64 -6.20
C LYS A 19 -10.05 6.44 -6.08
N CYS A 20 -10.31 5.65 -5.07
CA CYS A 20 -9.47 4.44 -4.84
C CYS A 20 -9.86 3.48 -5.96
N THR A 21 -8.91 2.67 -6.31
CA THR A 21 -9.12 1.66 -7.39
C THR A 21 -9.21 0.33 -6.72
N ASN A 22 -8.10 0.09 -6.09
CA ASN A 22 -7.85 -1.17 -5.32
C ASN A 22 -8.27 -2.37 -6.17
N ARG A 23 -7.49 -2.71 -7.16
CA ARG A 23 -7.89 -3.89 -7.99
C ARG A 23 -7.32 -5.16 -7.33
N PRO A 24 -7.74 -6.33 -7.76
CA PRO A 24 -6.82 -7.50 -7.77
C PRO A 24 -5.50 -7.05 -8.44
N TYR A 25 -4.70 -6.40 -7.64
CA TYR A 25 -3.37 -5.88 -8.05
C TYR A 25 -2.41 -7.08 -8.00
#